data_6DDN
#
_entry.id   6DDN
#
_cell.length_a   243.732
_cell.length_b   243.732
_cell.length_c   243.732
_cell.angle_alpha   90.00
_cell.angle_beta   90.00
_cell.angle_gamma   90.00
#
_symmetry.space_group_name_H-M   'F 41 3 2'
#
loop_
_entity.id
_entity.type
_entity.pdbx_description
1 polymer 'Probable sulfate-binding lipoprotein SubI'
2 non-polymer 'SULFATE ION'
3 non-polymer 'ACETATE ION'
4 non-polymer DI(HYDROXYETHYL)ETHER
5 water water
#
_entity_poly.entity_id   1
_entity_poly.type   'polypeptide(L)'
_entity_poly.pdbx_seq_one_letter_code
;MGSSHHHHHHSSGLVPRGSHMASMTGGQQMGRGSEFGPSDVVGRAGPDRAHTSITLVAYAVPEPGWSAVIPAFNASEQGR
GVQVITSYGASADQSRGVADGKPADLVNFSVEPDIARLVKAGKVDKDWDADATKGIPFGSVVTFVVRAGNPKNIRDWDDL
LRPGIEVITPSPLSSGSAKWNLLAPYAAKSDGGRNNQAGIDFVNTLVNEHVKLRPGSGREATDVFVQGSGDVLISYENEA
IATERAGKPVQHVTPPQTFKIENPLAVVATSTHLGAATAFRNFQYTVQAQKLWAQAGFRPVDPAVAADFADLFPVPAKLW
TIADLGGWGSVDPQLFDKATGSITKIYLRATG
;
_entity_poly.pdbx_strand_id   A,B
#
loop_
_chem_comp.id
_chem_comp.type
_chem_comp.name
_chem_comp.formula
ACT non-polymer 'ACETATE ION' 'C2 H3 O2 -1'
PEG non-polymer DI(HYDROXYETHYL)ETHER 'C4 H10 O3'
SO4 non-polymer 'SULFATE ION' 'O4 S -2'
#
# COMPACT_ATOMS: atom_id res chain seq x y z
N HIS A 51 1.68 3.29 -20.92
CA HIS A 51 2.52 3.41 -19.73
C HIS A 51 1.89 2.73 -18.52
N THR A 52 1.55 3.53 -17.51
CA THR A 52 0.99 3.06 -16.26
C THR A 52 -0.50 3.36 -16.22
N SER A 53 -1.20 2.64 -15.34
CA SER A 53 -2.65 2.73 -15.21
C SER A 53 -3.03 2.90 -13.76
N ILE A 54 -3.89 3.88 -13.47
CA ILE A 54 -4.39 4.13 -12.12
C ILE A 54 -5.91 4.12 -12.16
N THR A 55 -6.52 3.72 -11.06
CA THR A 55 -7.97 3.60 -10.96
C THR A 55 -8.49 4.53 -9.88
N LEU A 56 -9.44 5.37 -10.24
CA LEU A 56 -10.12 6.26 -9.30
C LEU A 56 -11.48 5.68 -8.97
N VAL A 57 -11.69 5.34 -7.70
CA VAL A 57 -12.99 4.91 -7.19
C VAL A 57 -13.63 6.14 -6.57
N ALA A 58 -14.62 6.71 -7.26
CA ALA A 58 -15.27 7.94 -6.83
C ALA A 58 -16.74 7.67 -6.54
N TYR A 59 -17.39 8.68 -5.96
CA TYR A 59 -18.80 8.55 -5.62
C TYR A 59 -19.67 8.76 -6.86
N ALA A 60 -20.95 9.08 -6.67
CA ALA A 60 -21.92 8.89 -7.75
C ALA A 60 -21.99 10.04 -8.75
N VAL A 61 -21.56 11.25 -8.38
CA VAL A 61 -21.81 12.40 -9.25
C VAL A 61 -20.58 13.22 -9.68
N PRO A 62 -19.33 12.90 -9.34
CA PRO A 62 -18.24 13.82 -9.69
C PRO A 62 -17.71 13.65 -11.11
N GLU A 63 -18.31 12.78 -11.92
CA GLU A 63 -17.78 12.50 -13.25
C GLU A 63 -17.61 13.73 -14.14
N PRO A 64 -18.54 14.69 -14.20
CA PRO A 64 -18.34 15.84 -15.10
C PRO A 64 -17.04 16.59 -14.86
N GLY A 65 -16.55 16.64 -13.63
CA GLY A 65 -15.29 17.27 -13.36
C GLY A 65 -14.11 16.37 -13.63
N TRP A 66 -14.25 15.09 -13.28
CA TRP A 66 -13.15 14.14 -13.49
C TRP A 66 -12.88 13.96 -14.97
N SER A 67 -13.93 13.81 -15.79
CA SER A 67 -13.74 13.60 -17.21
C SER A 67 -13.20 14.84 -17.92
N ALA A 68 -13.18 16.00 -17.26
CA ALA A 68 -12.54 17.19 -17.79
C ALA A 68 -11.12 17.37 -17.28
N VAL A 69 -10.82 16.89 -16.08
CA VAL A 69 -9.50 17.07 -15.50
C VAL A 69 -8.53 16.03 -16.05
N ILE A 70 -9.00 14.80 -16.26
CA ILE A 70 -8.11 13.73 -16.73
C ILE A 70 -7.46 14.06 -18.07
N PRO A 71 -8.18 14.55 -19.09
CA PRO A 71 -7.49 14.98 -20.31
C PRO A 71 -6.44 16.06 -20.06
N ALA A 72 -6.72 17.01 -19.17
CA ALA A 72 -5.73 18.01 -18.82
C ALA A 72 -4.54 17.37 -18.10
N PHE A 73 -4.82 16.40 -17.23
CA PHE A 73 -3.75 15.67 -16.57
C PHE A 73 -2.90 14.93 -17.59
N ASN A 74 -3.55 14.25 -18.54
CA ASN A 74 -2.83 13.47 -19.53
C ASN A 74 -2.02 14.34 -20.49
N ALA A 75 -2.31 15.64 -20.56
CA ALA A 75 -1.56 16.56 -21.38
C ALA A 75 -0.44 17.26 -20.61
N SER A 76 -0.18 16.84 -19.37
CA SER A 76 0.87 17.42 -18.55
C SER A 76 2.09 16.50 -18.50
N GLU A 77 3.18 17.03 -17.93
CA GLU A 77 4.43 16.28 -17.91
C GLU A 77 4.30 14.98 -17.12
N GLN A 78 3.78 15.07 -15.90
CA GLN A 78 3.62 13.88 -15.07
C GLN A 78 2.41 13.04 -15.44
N GLY A 79 1.52 13.56 -16.29
CA GLY A 79 0.29 12.86 -16.60
C GLY A 79 0.28 12.17 -17.96
N ARG A 80 1.26 12.47 -18.80
CA ARG A 80 1.35 11.83 -20.10
C ARG A 80 1.63 10.34 -19.91
N GLY A 81 0.76 9.50 -20.48
CA GLY A 81 0.94 8.07 -20.45
C GLY A 81 0.17 7.36 -19.35
N VAL A 82 -0.14 8.03 -18.25
CA VAL A 82 -0.84 7.39 -17.16
C VAL A 82 -2.34 7.50 -17.40
N GLN A 83 -2.94 6.38 -17.80
CA GLN A 83 -4.36 6.32 -18.08
C GLN A 83 -5.14 6.18 -16.77
N VAL A 84 -6.22 6.94 -16.65
CA VAL A 84 -7.03 6.99 -15.44
C VAL A 84 -8.33 6.27 -15.72
N ILE A 85 -8.53 5.12 -15.07
CA ILE A 85 -9.81 4.43 -15.08
C ILE A 85 -10.66 4.96 -13.93
N THR A 86 -11.97 5.07 -14.16
CA THR A 86 -12.87 5.68 -13.20
C THR A 86 -13.96 4.70 -12.81
N SER A 87 -14.48 4.87 -11.59
CA SER A 87 -15.56 4.04 -11.07
C SER A 87 -16.43 4.90 -10.18
N TYR A 88 -17.69 5.09 -10.58
CA TYR A 88 -18.63 5.93 -9.86
C TYR A 88 -19.78 5.08 -9.32
N GLY A 89 -20.22 5.40 -8.12
CA GLY A 89 -21.35 4.70 -7.52
C GLY A 89 -21.69 5.34 -6.19
N ALA A 90 -22.63 4.71 -5.48
CA ALA A 90 -22.99 5.17 -4.14
C ALA A 90 -21.75 5.31 -3.27
N SER A 91 -21.62 6.47 -2.62
CA SER A 91 -20.39 6.83 -1.93
C SER A 91 -20.00 5.78 -0.89
N ALA A 92 -20.92 5.45 0.02
CA ALA A 92 -20.62 4.48 1.07
C ALA A 92 -20.38 3.10 0.50
N ASP A 93 -21.16 2.71 -0.52
CA ASP A 93 -20.94 1.41 -1.17
C ASP A 93 -19.56 1.36 -1.80
N GLN A 94 -19.12 2.44 -2.44
CA GLN A 94 -17.79 2.48 -3.04
C GLN A 94 -16.71 2.41 -1.97
N SER A 95 -16.93 3.08 -0.82
CA SER A 95 -15.97 3.02 0.26
C SER A 95 -15.82 1.61 0.79
N ARG A 96 -16.93 0.91 0.98
CA ARG A 96 -16.87 -0.46 1.47
C ARG A 96 -16.17 -1.37 0.47
N GLY A 97 -16.43 -1.18 -0.82
CA GLY A 97 -15.77 -1.98 -1.84
C GLY A 97 -14.26 -1.95 -1.71
N VAL A 98 -13.69 -0.74 -1.68
CA VAL A 98 -12.24 -0.61 -1.57
C VAL A 98 -11.75 -1.13 -0.22
N ALA A 99 -12.52 -0.89 0.84
CA ALA A 99 -12.15 -1.40 2.15
C ALA A 99 -12.00 -2.91 2.14
N ASP A 100 -12.77 -3.60 1.30
CA ASP A 100 -12.69 -5.05 1.28
C ASP A 100 -12.32 -5.58 -0.11
N GLY A 101 -11.29 -5.01 -0.73
CA GLY A 101 -10.60 -5.62 -1.84
C GLY A 101 -10.67 -4.89 -3.17
N LYS A 102 -11.66 -4.02 -3.36
CA LYS A 102 -11.85 -3.40 -4.67
C LYS A 102 -10.59 -2.65 -5.07
N PRO A 103 -10.05 -2.91 -6.26
CA PRO A 103 -8.82 -2.22 -6.69
C PRO A 103 -9.07 -0.72 -6.79
N ALA A 104 -8.15 0.04 -6.21
CA ALA A 104 -8.24 1.49 -6.22
C ALA A 104 -6.85 2.07 -6.01
N ASP A 105 -6.54 3.12 -6.77
CA ASP A 105 -5.33 3.90 -6.53
C ASP A 105 -5.63 5.27 -5.94
N LEU A 106 -6.85 5.79 -6.12
CA LEU A 106 -7.30 7.02 -5.51
C LEU A 106 -8.76 6.90 -5.15
N VAL A 107 -9.13 7.54 -4.04
CA VAL A 107 -10.51 7.59 -3.59
C VAL A 107 -10.96 9.05 -3.62
N ASN A 108 -12.21 9.26 -4.04
CA ASN A 108 -12.83 10.59 -4.02
C ASN A 108 -14.30 10.35 -3.66
N PHE A 109 -14.65 10.60 -2.40
CA PHE A 109 -15.95 10.22 -1.88
C PHE A 109 -16.77 11.46 -1.54
N SER A 110 -18.07 11.24 -1.34
CA SER A 110 -18.98 12.34 -1.07
C SER A 110 -18.69 13.00 0.27
N VAL A 111 -18.39 12.19 1.29
CA VAL A 111 -18.24 12.69 2.65
C VAL A 111 -16.97 12.12 3.26
N GLU A 112 -16.40 12.88 4.20
CA GLU A 112 -15.18 12.44 4.87
C GLU A 112 -15.30 11.09 5.57
N PRO A 113 -16.41 10.74 6.24
CA PRO A 113 -16.52 9.40 6.83
C PRO A 113 -16.16 8.26 5.88
N ASP A 114 -16.50 8.41 4.60
CA ASP A 114 -16.17 7.38 3.63
C ASP A 114 -14.66 7.29 3.38
N ILE A 115 -13.91 8.32 3.76
CA ILE A 115 -12.45 8.22 3.77
C ILE A 115 -11.95 7.61 5.08
N ALA A 116 -12.58 7.99 6.20
CA ALA A 116 -12.17 7.47 7.49
C ALA A 116 -12.33 5.96 7.58
N ARG A 117 -13.35 5.40 6.92
CA ARG A 117 -13.49 3.95 6.90
C ARG A 117 -12.26 3.29 6.28
N LEU A 118 -11.74 3.87 5.21
CA LEU A 118 -10.53 3.34 4.57
C LEU A 118 -9.31 3.54 5.45
N VAL A 119 -9.26 4.64 6.21
CA VAL A 119 -8.16 4.84 7.15
C VAL A 119 -8.21 3.80 8.25
N LYS A 120 -9.41 3.57 8.80
CA LYS A 120 -9.60 2.53 9.81
C LYS A 120 -9.19 1.15 9.29
N ALA A 121 -9.21 0.95 7.98
CA ALA A 121 -8.86 -0.34 7.37
C ALA A 121 -7.46 -0.37 6.80
N GLY A 122 -6.65 0.67 7.03
CA GLY A 122 -5.31 0.71 6.51
C GLY A 122 -5.19 0.97 5.03
N LYS A 123 -6.29 1.31 4.35
CA LYS A 123 -6.27 1.54 2.91
C LYS A 123 -5.88 2.97 2.55
N VAL A 124 -6.14 3.93 3.43
CA VAL A 124 -5.75 5.31 3.21
C VAL A 124 -4.87 5.73 4.38
N ASP A 125 -3.66 6.21 4.07
CA ASP A 125 -2.76 6.73 5.09
C ASP A 125 -3.44 7.88 5.83
N LYS A 126 -3.10 8.02 7.12
CA LYS A 126 -3.74 9.03 7.95
C LYS A 126 -3.30 10.46 7.59
N ASP A 127 -2.19 10.61 6.86
CA ASP A 127 -1.66 11.90 6.46
C ASP A 127 -2.57 12.63 5.47
N TRP A 128 -3.68 12.00 5.09
CA TRP A 128 -4.42 12.43 3.92
C TRP A 128 -5.09 13.79 4.11
N ASP A 129 -5.27 14.24 5.36
CA ASP A 129 -5.93 15.51 5.63
C ASP A 129 -5.12 16.42 6.55
N ALA A 130 -3.85 16.09 6.83
CA ALA A 130 -2.97 16.99 7.56
C ALA A 130 -2.50 18.16 6.71
N ASP A 131 -2.75 18.09 5.40
CA ASP A 131 -2.47 19.18 4.48
C ASP A 131 -3.36 20.38 4.80
N ALA A 132 -2.85 21.58 4.53
CA ALA A 132 -3.67 22.78 4.63
C ALA A 132 -4.95 22.64 3.82
N THR A 133 -4.91 21.82 2.77
CA THR A 133 -6.10 21.52 1.99
C THR A 133 -7.12 20.70 2.78
N LYS A 134 -6.66 19.94 3.77
CA LYS A 134 -7.47 18.95 4.48
C LYS A 134 -7.99 17.85 3.56
N GLY A 135 -7.34 17.66 2.42
CA GLY A 135 -7.77 16.64 1.48
C GLY A 135 -9.04 16.96 0.72
N ILE A 136 -9.45 18.22 0.69
CA ILE A 136 -10.67 18.63 0.01
C ILE A 136 -10.27 19.51 -1.18
N PRO A 137 -10.36 19.01 -2.42
CA PRO A 137 -9.95 19.81 -3.57
C PRO A 137 -11.10 20.62 -4.17
N PHE A 138 -12.33 20.26 -3.83
CA PHE A 138 -13.51 20.97 -4.33
C PHE A 138 -14.69 20.62 -3.44
N GLY A 139 -15.83 21.22 -3.77
CA GLY A 139 -17.04 20.94 -3.03
C GLY A 139 -18.25 21.51 -3.74
N SER A 140 -19.32 21.70 -2.98
CA SER A 140 -20.57 22.21 -3.54
C SER A 140 -21.44 22.71 -2.41
N VAL A 141 -22.71 22.96 -2.70
CA VAL A 141 -23.71 23.29 -1.70
C VAL A 141 -24.96 22.48 -1.99
N VAL A 142 -25.75 22.26 -0.94
CA VAL A 142 -27.02 21.58 -1.11
C VAL A 142 -27.99 22.52 -1.81
N THR A 143 -28.72 21.99 -2.80
CA THR A 143 -29.64 22.79 -3.58
C THR A 143 -30.89 21.97 -3.87
N PHE A 144 -31.98 22.68 -4.22
CA PHE A 144 -33.22 22.06 -4.64
C PHE A 144 -33.21 21.93 -6.16
N VAL A 145 -33.15 20.71 -6.66
CA VAL A 145 -33.43 20.50 -8.07
C VAL A 145 -34.93 20.54 -8.26
N VAL A 146 -35.37 21.27 -9.29
CA VAL A 146 -36.76 21.63 -9.46
C VAL A 146 -37.10 21.50 -10.94
N ARG A 147 -38.39 21.32 -11.22
CA ARG A 147 -38.77 21.19 -12.61
C ARG A 147 -38.81 22.55 -13.29
N ALA A 148 -38.64 22.54 -14.61
CA ALA A 148 -38.43 23.75 -15.37
C ALA A 148 -39.51 24.78 -15.09
N GLY A 149 -39.09 25.98 -14.67
CA GLY A 149 -39.98 27.05 -14.30
C GLY A 149 -40.41 27.05 -12.85
N ASN A 150 -39.97 26.08 -12.05
CA ASN A 150 -40.40 25.90 -10.67
C ASN A 150 -41.93 25.95 -10.58
N PRO A 151 -42.62 25.01 -11.22
CA PRO A 151 -44.09 25.11 -11.31
C PRO A 151 -44.76 25.19 -9.96
N LYS A 152 -44.20 24.55 -8.94
CA LYS A 152 -44.77 24.52 -7.61
C LYS A 152 -44.15 25.56 -6.68
N ASN A 153 -43.26 26.42 -7.22
CA ASN A 153 -42.74 27.57 -6.49
C ASN A 153 -42.04 27.14 -5.20
N ILE A 154 -41.01 26.33 -5.37
CA ILE A 154 -40.19 25.87 -4.24
C ILE A 154 -39.02 26.82 -4.07
N ARG A 155 -38.94 27.44 -2.89
CA ARG A 155 -37.88 28.41 -2.61
C ARG A 155 -37.15 28.20 -1.29
N ASP A 156 -37.69 27.41 -0.36
CA ASP A 156 -37.07 27.30 0.95
C ASP A 156 -37.44 25.95 1.57
N TRP A 157 -36.82 25.67 2.73
CA TRP A 157 -36.98 24.36 3.35
C TRP A 157 -38.43 24.12 3.79
N ASP A 158 -39.14 25.16 4.20
CA ASP A 158 -40.53 25.01 4.56
C ASP A 158 -41.37 24.56 3.38
N ASP A 159 -40.94 24.89 2.15
CA ASP A 159 -41.68 24.47 0.97
C ASP A 159 -41.69 22.95 0.79
N LEU A 160 -40.72 22.25 1.37
CA LEU A 160 -40.68 20.80 1.24
C LEU A 160 -41.71 20.10 2.14
N LEU A 161 -42.28 20.81 3.10
CA LEU A 161 -43.32 20.28 3.98
C LEU A 161 -44.71 20.67 3.53
N ARG A 162 -44.86 21.17 2.32
CA ARG A 162 -46.18 21.54 1.85
C ARG A 162 -46.98 20.30 1.45
N PRO A 163 -48.31 20.36 1.55
CA PRO A 163 -49.12 19.16 1.25
C PRO A 163 -48.91 18.67 -0.17
N GLY A 164 -48.59 17.38 -0.30
CA GLY A 164 -48.47 16.75 -1.58
C GLY A 164 -47.11 16.85 -2.24
N ILE A 165 -46.17 17.58 -1.64
CA ILE A 165 -44.83 17.70 -2.21
C ILE A 165 -44.04 16.46 -1.85
N GLU A 166 -43.57 15.73 -2.87
CA GLU A 166 -42.69 14.59 -2.67
C GLU A 166 -41.25 15.01 -2.89
N VAL A 167 -40.40 14.71 -1.91
CA VAL A 167 -38.99 15.03 -1.97
C VAL A 167 -38.24 13.77 -2.42
N ILE A 168 -37.34 13.94 -3.39
CA ILE A 168 -36.45 12.87 -3.84
C ILE A 168 -35.10 13.09 -3.19
N THR A 169 -34.64 12.12 -2.40
CA THR A 169 -33.35 12.16 -1.75
C THR A 169 -32.90 10.73 -1.50
N PRO A 170 -31.61 10.43 -1.67
CA PRO A 170 -31.16 9.03 -1.55
C PRO A 170 -31.12 8.54 -0.10
N SER A 171 -30.61 7.31 0.08
CA SER A 171 -30.55 6.61 1.36
C SER A 171 -29.21 6.90 2.05
N PRO A 172 -29.23 7.24 3.33
CA PRO A 172 -27.95 7.52 4.03
C PRO A 172 -27.12 6.27 4.28
N LEU A 173 -27.65 5.08 3.99
CA LEU A 173 -26.88 3.87 4.19
C LEU A 173 -25.82 3.70 3.12
N SER A 174 -26.12 4.12 1.90
CA SER A 174 -25.22 3.94 0.76
C SER A 174 -24.70 5.24 0.18
N SER A 175 -25.39 6.36 0.41
CA SER A 175 -25.06 7.63 -0.23
C SER A 175 -24.56 8.64 0.79
N GLY A 176 -23.54 9.40 0.40
CA GLY A 176 -23.19 10.59 1.15
C GLY A 176 -24.05 11.77 0.77
N SER A 177 -24.55 11.80 -0.47
CA SER A 177 -25.53 12.80 -0.89
C SER A 177 -26.70 12.85 0.07
N ALA A 178 -27.19 11.67 0.49
CA ALA A 178 -28.28 11.62 1.45
C ALA A 178 -27.91 12.29 2.76
N LYS A 179 -26.63 12.32 3.11
CA LYS A 179 -26.21 12.91 4.38
C LYS A 179 -26.14 14.43 4.28
N TRP A 180 -25.55 14.96 3.21
CA TRP A 180 -25.65 16.39 2.97
C TRP A 180 -27.11 16.85 2.92
N ASN A 181 -27.95 16.08 2.22
CA ASN A 181 -29.34 16.46 2.00
C ASN A 181 -30.14 16.54 3.29
N LEU A 182 -29.71 15.84 4.35
CA LEU A 182 -30.39 15.92 5.63
C LEU A 182 -29.67 16.82 6.63
N LEU A 183 -28.36 17.02 6.46
CA LEU A 183 -27.64 17.95 7.32
C LEU A 183 -28.11 19.39 7.09
N ALA A 184 -28.34 19.76 5.84
CA ALA A 184 -28.75 21.14 5.56
C ALA A 184 -30.07 21.51 6.22
N PRO A 185 -31.16 20.74 6.09
CA PRO A 185 -32.39 21.13 6.78
C PRO A 185 -32.28 21.03 8.28
N TYR A 186 -31.49 20.09 8.80
CA TYR A 186 -31.26 20.04 10.24
C TYR A 186 -30.54 21.30 10.72
N ALA A 187 -29.43 21.63 10.07
CA ALA A 187 -28.69 22.83 10.45
C ALA A 187 -29.55 24.08 10.29
N ALA A 188 -30.38 24.14 9.25
CA ALA A 188 -31.21 25.31 9.01
C ALA A 188 -32.29 25.44 10.08
N LYS A 189 -33.05 24.37 10.31
CA LYS A 189 -34.16 24.42 11.25
C LYS A 189 -33.73 24.35 12.70
N SER A 190 -32.46 24.05 12.98
CA SER A 190 -31.95 24.00 14.35
C SER A 190 -30.95 25.12 14.63
N ASP A 191 -30.73 26.03 13.68
CA ASP A 191 -29.74 27.09 13.80
C ASP A 191 -28.38 26.53 14.22
N GLY A 192 -27.93 25.52 13.48
CA GLY A 192 -26.63 24.93 13.73
C GLY A 192 -26.50 24.27 15.08
N GLY A 193 -27.48 23.43 15.45
CA GLY A 193 -27.40 22.63 16.66
C GLY A 193 -27.89 23.29 17.93
N ARG A 194 -28.43 24.51 17.85
CA ARG A 194 -28.87 25.18 19.07
C ARG A 194 -30.18 24.57 19.57
N ASN A 195 -31.25 24.70 18.81
CA ASN A 195 -32.50 24.01 19.12
C ASN A 195 -32.49 22.69 18.36
N ASN A 196 -31.81 21.71 18.94
CA ASN A 196 -31.61 20.43 18.27
C ASN A 196 -32.93 19.72 17.99
N GLN A 197 -33.99 20.02 18.74
CA GLN A 197 -35.22 19.26 18.59
C GLN A 197 -35.99 19.64 17.32
N ALA A 198 -36.14 20.94 17.02
CA ALA A 198 -36.87 21.28 15.80
C ALA A 198 -36.07 20.99 14.55
N GLY A 199 -34.75 20.86 14.67
CA GLY A 199 -33.99 20.29 13.56
C GLY A 199 -34.39 18.85 13.30
N ILE A 200 -34.41 18.04 14.37
CA ILE A 200 -34.84 16.65 14.26
C ILE A 200 -36.31 16.59 13.84
N ASP A 201 -37.16 17.41 14.49
CA ASP A 201 -38.58 17.37 14.19
C ASP A 201 -38.87 17.78 12.75
N PHE A 202 -38.06 18.67 12.17
CA PHE A 202 -38.24 19.00 10.77
C PHE A 202 -37.87 17.81 9.89
N VAL A 203 -36.66 17.28 10.06
CA VAL A 203 -36.23 16.10 9.31
C VAL A 203 -37.23 14.96 9.51
N ASN A 204 -37.75 14.81 10.73
CA ASN A 204 -38.78 13.83 11.02
C ASN A 204 -39.97 13.99 10.07
N THR A 205 -40.54 15.19 10.01
CA THR A 205 -41.70 15.41 9.16
C THR A 205 -41.33 15.34 7.68
N LEU A 206 -40.12 15.80 7.33
CA LEU A 206 -39.69 15.75 5.94
C LEU A 206 -39.56 14.32 5.45
N VAL A 207 -38.87 13.47 6.23
CA VAL A 207 -38.61 12.11 5.79
C VAL A 207 -39.89 11.28 5.80
N ASN A 208 -40.63 11.28 6.91
CA ASN A 208 -41.77 10.39 7.05
C ASN A 208 -42.87 10.73 6.06
N GLU A 209 -43.22 12.00 5.95
CA GLU A 209 -44.41 12.37 5.18
C GLU A 209 -44.10 12.87 3.78
N HIS A 210 -42.82 13.02 3.41
CA HIS A 210 -42.49 13.53 2.07
C HIS A 210 -41.39 12.76 1.36
N VAL A 211 -40.83 11.71 1.96
CA VAL A 211 -39.87 10.85 1.30
C VAL A 211 -40.41 9.43 1.35
N LYS A 212 -40.63 8.84 0.19
CA LYS A 212 -41.00 7.44 0.07
C LYS A 212 -40.00 6.63 -0.72
N LEU A 213 -39.47 7.19 -1.81
CA LEU A 213 -38.43 6.52 -2.58
C LEU A 213 -37.10 6.62 -1.86
N ARG A 214 -36.30 5.56 -1.94
CA ARG A 214 -34.99 5.49 -1.28
C ARG A 214 -33.94 5.06 -2.29
N PRO A 215 -33.59 5.91 -3.25
CA PRO A 215 -32.55 5.56 -4.21
C PRO A 215 -31.19 5.43 -3.54
N GLY A 216 -30.32 4.63 -4.17
CA GLY A 216 -29.06 4.28 -3.55
C GLY A 216 -28.03 5.40 -3.57
N SER A 217 -28.08 6.28 -4.57
CA SER A 217 -27.07 7.31 -4.71
C SER A 217 -27.71 8.58 -5.27
N GLY A 218 -26.96 9.68 -5.17
CA GLY A 218 -27.44 10.94 -5.71
C GLY A 218 -27.68 10.87 -7.21
N ARG A 219 -26.85 10.11 -7.93
CA ARG A 219 -27.06 9.91 -9.36
C ARG A 219 -28.34 9.14 -9.61
N GLU A 220 -28.55 8.05 -8.86
CA GLU A 220 -29.81 7.31 -8.97
C GLU A 220 -31.00 8.18 -8.59
N ALA A 221 -30.81 9.09 -7.64
CA ALA A 221 -31.88 10.02 -7.28
C ALA A 221 -32.16 10.99 -8.42
N THR A 222 -31.11 11.44 -9.11
CA THR A 222 -31.30 12.33 -10.26
C THR A 222 -32.04 11.61 -11.39
N ASP A 223 -31.72 10.32 -11.60
CA ASP A 223 -32.34 9.57 -12.69
C ASP A 223 -33.85 9.45 -12.50
N VAL A 224 -34.26 8.93 -11.33
CA VAL A 224 -35.69 8.72 -11.09
C VAL A 224 -36.43 10.06 -11.03
N PHE A 225 -35.74 11.14 -10.67
CA PHE A 225 -36.39 12.44 -10.68
C PHE A 225 -36.59 12.93 -12.12
N VAL A 226 -35.60 12.71 -12.98
CA VAL A 226 -35.71 13.11 -14.37
C VAL A 226 -36.85 12.36 -15.05
N GLN A 227 -36.99 11.07 -14.77
CA GLN A 227 -38.08 10.30 -15.36
C GLN A 227 -39.45 10.73 -14.87
N GLY A 228 -39.54 11.49 -13.77
CA GLY A 228 -40.79 12.11 -13.41
C GLY A 228 -41.27 11.87 -11.99
N SER A 229 -40.44 11.26 -11.15
CA SER A 229 -40.82 10.97 -9.78
C SER A 229 -40.39 12.12 -8.85
N GLY A 230 -41.34 12.61 -8.06
CA GLY A 230 -41.06 13.64 -7.08
C GLY A 230 -41.14 15.05 -7.65
N ASP A 231 -41.40 16.00 -6.74
CA ASP A 231 -41.52 17.41 -7.11
C ASP A 231 -40.25 18.21 -6.88
N VAL A 232 -39.40 17.80 -5.96
CA VAL A 232 -38.14 18.48 -5.68
C VAL A 232 -37.11 17.43 -5.31
N LEU A 233 -35.93 17.52 -5.93
CA LEU A 233 -34.83 16.61 -5.66
C LEU A 233 -33.72 17.38 -4.94
N ILE A 234 -33.42 16.99 -3.71
CA ILE A 234 -32.29 17.55 -2.99
C ILE A 234 -31.02 16.93 -3.54
N SER A 235 -30.07 17.77 -3.95
CA SER A 235 -28.92 17.28 -4.70
C SER A 235 -27.77 18.28 -4.56
N TYR A 236 -26.61 17.88 -5.08
CA TYR A 236 -25.49 18.79 -5.18
C TYR A 236 -25.79 19.89 -6.19
N GLU A 237 -25.21 21.07 -5.96
CA GLU A 237 -25.27 22.12 -6.97
C GLU A 237 -24.56 21.71 -8.25
N ASN A 238 -23.48 20.94 -8.13
CA ASN A 238 -22.80 20.46 -9.33
C ASN A 238 -23.66 19.49 -10.10
N GLU A 239 -24.44 18.66 -9.41
CA GLU A 239 -25.30 17.70 -10.09
C GLU A 239 -26.46 18.39 -10.78
N ALA A 240 -26.98 19.46 -10.18
CA ALA A 240 -28.03 20.24 -10.85
C ALA A 240 -27.49 20.91 -12.10
N ILE A 241 -26.27 21.47 -12.00
CA ILE A 241 -25.65 22.12 -13.15
C ILE A 241 -25.41 21.11 -14.27
N ALA A 242 -24.92 19.91 -13.91
CA ALA A 242 -24.63 18.90 -14.91
C ALA A 242 -25.92 18.37 -15.55
N THR A 243 -26.98 18.21 -14.75
CA THR A 243 -28.24 17.73 -15.29
C THR A 243 -28.88 18.76 -16.22
N GLU A 244 -28.90 20.02 -15.78
CA GLU A 244 -29.40 21.11 -16.63
C GLU A 244 -28.68 21.12 -17.98
N ARG A 245 -27.35 21.01 -17.93
CA ARG A 245 -26.54 21.11 -19.14
C ARG A 245 -26.77 19.94 -20.10
N ALA A 246 -27.23 18.80 -19.59
CA ALA A 246 -27.57 17.67 -20.44
C ALA A 246 -28.91 17.85 -21.16
N GLY A 247 -29.45 19.06 -21.15
CA GLY A 247 -30.72 19.33 -21.80
C GLY A 247 -31.94 18.80 -21.08
N LYS A 248 -31.80 18.43 -19.80
CA LYS A 248 -32.97 17.93 -19.08
C LYS A 248 -33.78 19.10 -18.52
N PRO A 249 -35.09 19.06 -18.65
CA PRO A 249 -35.93 20.23 -18.29
C PRO A 249 -36.09 20.40 -16.79
N VAL A 250 -34.99 20.84 -16.15
CA VAL A 250 -34.98 21.12 -14.73
C VAL A 250 -34.20 22.41 -14.50
N GLN A 251 -34.41 23.00 -13.32
CA GLN A 251 -33.58 24.08 -12.82
C GLN A 251 -33.37 23.86 -11.33
N HIS A 252 -32.68 24.78 -10.68
CA HIS A 252 -32.41 24.63 -9.26
C HIS A 252 -32.46 25.96 -8.53
N VAL A 253 -33.00 25.93 -7.31
CA VAL A 253 -33.00 27.06 -6.40
C VAL A 253 -32.32 26.62 -5.12
N THR A 254 -31.37 27.40 -4.66
CA THR A 254 -30.74 27.08 -3.38
C THR A 254 -31.50 27.75 -2.24
N PRO A 255 -31.88 27.00 -1.20
CA PRO A 255 -32.59 27.63 -0.09
C PRO A 255 -31.73 28.69 0.56
N PRO A 256 -32.33 29.68 1.20
CA PRO A 256 -31.52 30.74 1.84
C PRO A 256 -30.47 30.20 2.80
N GLN A 257 -30.80 29.19 3.58
CA GLN A 257 -29.84 28.46 4.38
C GLN A 257 -29.56 27.13 3.71
N THR A 258 -28.28 26.84 3.49
CA THR A 258 -27.87 25.57 2.90
C THR A 258 -26.58 25.12 3.56
N PHE A 259 -26.15 23.90 3.22
CA PHE A 259 -24.99 23.28 3.82
C PHE A 259 -23.81 23.27 2.85
N LYS A 260 -22.61 23.44 3.38
CA LYS A 260 -21.40 23.43 2.57
C LYS A 260 -20.96 21.99 2.34
N ILE A 261 -20.97 21.57 1.09
CA ILE A 261 -20.54 20.23 0.72
C ILE A 261 -19.04 20.25 0.46
N GLU A 262 -18.32 19.32 1.08
CA GLU A 262 -16.88 19.20 0.92
C GLU A 262 -16.56 17.76 0.56
N ASN A 263 -16.03 17.54 -0.65
CA ASN A 263 -15.82 16.21 -1.16
C ASN A 263 -14.35 15.82 -1.02
N PRO A 264 -14.01 14.88 -0.14
CA PRO A 264 -12.59 14.56 0.08
C PRO A 264 -12.01 13.67 -1.01
N LEU A 265 -10.68 13.77 -1.14
CA LEU A 265 -9.89 12.97 -2.07
C LEU A 265 -8.62 12.53 -1.37
N ALA A 266 -8.26 11.26 -1.56
CA ALA A 266 -7.07 10.72 -0.92
C ALA A 266 -6.46 9.64 -1.80
N VAL A 267 -5.15 9.48 -1.68
CA VAL A 267 -4.45 8.41 -2.37
C VAL A 267 -4.63 7.11 -1.58
N VAL A 268 -4.86 6.01 -2.29
CA VAL A 268 -5.00 4.72 -1.64
C VAL A 268 -3.61 4.20 -1.27
N ALA A 269 -3.40 3.90 0.00
CA ALA A 269 -2.07 3.50 0.47
C ALA A 269 -1.64 2.16 -0.11
N THR A 270 -2.59 1.24 -0.30
CA THR A 270 -2.27 -0.10 -0.79
C THR A 270 -2.04 -0.15 -2.30
N SER A 271 -1.85 0.99 -2.95
CA SER A 271 -1.70 1.02 -4.40
C SER A 271 -0.24 0.88 -4.81
N THR A 272 -0.02 0.14 -5.90
CA THR A 272 1.31 -0.07 -6.46
C THR A 272 1.71 1.04 -7.43
N HIS A 273 1.07 2.20 -7.35
CA HIS A 273 1.29 3.28 -8.31
C HIS A 273 1.30 4.62 -7.61
N LEU A 274 1.85 4.69 -6.40
CA LEU A 274 1.77 5.91 -5.63
C LEU A 274 2.53 7.06 -6.27
N GLY A 275 3.43 6.77 -7.20
CA GLY A 275 4.04 7.81 -8.00
C GLY A 275 3.01 8.55 -8.83
N ALA A 276 2.30 7.80 -9.68
CA ALA A 276 1.27 8.41 -10.52
C ALA A 276 0.07 8.85 -9.68
N ALA A 277 -0.32 8.04 -8.69
CA ALA A 277 -1.48 8.38 -7.86
C ALA A 277 -1.25 9.69 -7.12
N THR A 278 -0.05 9.90 -6.59
CA THR A 278 0.26 11.18 -5.97
C THR A 278 0.27 12.31 -6.99
N ALA A 279 0.83 12.05 -8.18
CA ALA A 279 0.84 13.06 -9.21
C ALA A 279 -0.57 13.44 -9.63
N PHE A 280 -1.46 12.44 -9.75
CA PHE A 280 -2.84 12.73 -10.13
C PHE A 280 -3.60 13.46 -9.04
N ARG A 281 -3.25 13.21 -7.77
CA ARG A 281 -3.92 13.91 -6.68
C ARG A 281 -3.43 15.36 -6.60
N ASN A 282 -2.11 15.56 -6.66
CA ASN A 282 -1.57 16.92 -6.56
C ASN A 282 -1.97 17.76 -7.76
N PHE A 283 -2.15 17.15 -8.93
CA PHE A 283 -2.59 17.91 -10.10
C PHE A 283 -3.93 18.60 -9.87
N GLN A 284 -4.77 18.03 -9.00
CA GLN A 284 -6.09 18.60 -8.76
C GLN A 284 -6.01 19.98 -8.14
N TYR A 285 -5.00 20.23 -7.31
CA TYR A 285 -4.85 21.51 -6.63
C TYR A 285 -4.14 22.55 -7.48
N THR A 286 -3.74 22.20 -8.70
CA THR A 286 -3.14 23.19 -9.60
C THR A 286 -4.18 24.24 -9.99
N VAL A 287 -3.69 25.38 -10.47
CA VAL A 287 -4.58 26.45 -10.89
C VAL A 287 -5.49 25.97 -12.01
N GLN A 288 -4.93 25.25 -12.99
CA GLN A 288 -5.70 24.79 -14.13
C GLN A 288 -6.81 23.84 -13.69
N ALA A 289 -6.47 22.82 -12.90
CA ALA A 289 -7.46 21.85 -12.48
C ALA A 289 -8.56 22.49 -11.66
N GLN A 290 -8.20 23.46 -10.81
CA GLN A 290 -9.21 24.16 -10.02
C GLN A 290 -10.14 24.96 -10.93
N LYS A 291 -9.61 25.59 -11.97
CA LYS A 291 -10.45 26.24 -12.96
C LYS A 291 -11.37 25.24 -13.63
N LEU A 292 -10.85 24.04 -13.94
CA LEU A 292 -11.63 23.06 -14.66
C LEU A 292 -12.79 22.54 -13.82
N TRP A 293 -12.52 22.21 -12.55
CA TRP A 293 -13.59 21.82 -11.64
C TRP A 293 -14.65 22.90 -11.56
N ALA A 294 -14.22 24.15 -11.38
CA ALA A 294 -15.14 25.27 -11.34
C ALA A 294 -15.99 25.31 -12.61
N GLN A 295 -15.33 25.23 -13.77
CA GLN A 295 -16.05 25.26 -15.04
C GLN A 295 -17.02 24.08 -15.15
N ALA A 296 -16.72 22.97 -14.48
CA ALA A 296 -17.61 21.81 -14.46
C ALA A 296 -18.74 21.94 -13.45
N GLY A 297 -18.79 23.01 -12.67
CA GLY A 297 -19.85 23.21 -11.71
C GLY A 297 -19.52 22.85 -10.29
N PHE A 298 -18.28 22.48 -10.00
CA PHE A 298 -17.85 22.15 -8.65
C PHE A 298 -17.11 23.34 -8.05
N ARG A 299 -17.45 23.69 -6.82
CA ARG A 299 -16.87 24.88 -6.21
C ARG A 299 -15.42 24.61 -5.82
N PRO A 300 -14.46 25.35 -6.36
CA PRO A 300 -13.05 25.08 -6.07
C PRO A 300 -12.64 25.61 -4.71
N VAL A 301 -11.54 25.05 -4.19
CA VAL A 301 -10.97 25.47 -2.92
C VAL A 301 -9.85 26.48 -3.09
N ASP A 302 -9.31 26.64 -4.29
CA ASP A 302 -8.31 27.67 -4.55
C ASP A 302 -8.95 29.04 -4.34
N PRO A 303 -8.49 29.83 -3.38
CA PRO A 303 -9.16 31.12 -3.11
C PRO A 303 -9.13 32.09 -4.29
N ALA A 304 -8.16 31.96 -5.19
CA ALA A 304 -8.13 32.82 -6.36
C ALA A 304 -9.11 32.34 -7.43
N VAL A 305 -9.17 31.03 -7.67
CA VAL A 305 -10.14 30.50 -8.62
C VAL A 305 -11.56 30.66 -8.08
N ALA A 306 -11.73 30.44 -6.78
CA ALA A 306 -13.05 30.61 -6.17
C ALA A 306 -13.52 32.06 -6.27
N ALA A 307 -12.59 33.01 -6.15
CA ALA A 307 -12.93 34.40 -6.38
C ALA A 307 -13.33 34.63 -7.84
N ASP A 308 -12.59 34.03 -8.78
CA ASP A 308 -12.87 34.23 -10.19
C ASP A 308 -14.24 33.67 -10.58
N PHE A 309 -14.70 32.62 -9.88
CA PHE A 309 -15.98 31.99 -10.19
C PHE A 309 -17.04 32.31 -9.16
N ALA A 310 -16.77 33.24 -8.24
CA ALA A 310 -17.74 33.57 -7.20
C ALA A 310 -19.05 34.05 -7.78
N ASP A 311 -19.02 34.64 -8.98
CA ASP A 311 -20.23 35.14 -9.62
C ASP A 311 -21.09 34.04 -10.22
N LEU A 312 -20.60 32.80 -10.28
CA LEU A 312 -21.43 31.66 -10.68
C LEU A 312 -21.74 30.72 -9.54
N PHE A 313 -20.99 30.81 -8.45
CA PHE A 313 -21.26 30.02 -7.25
C PHE A 313 -21.73 30.97 -6.16
N PRO A 314 -23.00 31.34 -6.16
CA PRO A 314 -23.46 32.42 -5.27
C PRO A 314 -23.47 31.99 -3.82
N VAL A 315 -23.07 32.91 -2.95
CA VAL A 315 -23.15 32.64 -1.51
C VAL A 315 -24.62 32.67 -1.08
N PRO A 316 -25.07 31.75 -0.26
CA PRO A 316 -26.44 31.81 0.25
C PRO A 316 -26.53 32.80 1.41
N ALA A 317 -27.72 32.90 1.99
CA ALA A 317 -27.88 33.71 3.19
C ALA A 317 -27.11 33.12 4.36
N LYS A 318 -26.98 31.80 4.41
CA LYS A 318 -26.26 31.13 5.50
C LYS A 318 -25.67 29.83 4.97
N LEU A 319 -24.34 29.72 5.02
CA LEU A 319 -23.63 28.51 4.60
C LEU A 319 -23.23 27.74 5.85
N TRP A 320 -23.99 26.70 6.16
CA TRP A 320 -23.66 25.84 7.29
C TRP A 320 -22.55 24.86 6.90
N THR A 321 -21.62 24.64 7.84
CA THR A 321 -20.51 23.73 7.63
C THR A 321 -20.52 22.64 8.69
N ILE A 322 -19.85 21.53 8.39
CA ILE A 322 -19.75 20.43 9.35
C ILE A 322 -19.06 20.89 10.62
N ALA A 323 -18.19 21.91 10.52
CA ALA A 323 -17.53 22.44 11.71
C ALA A 323 -18.51 23.17 12.61
N ASP A 324 -19.55 23.77 12.02
CA ASP A 324 -20.58 24.43 12.83
C ASP A 324 -21.28 23.44 13.74
N LEU A 325 -21.41 22.19 13.32
CA LEU A 325 -22.06 21.16 14.09
C LEU A 325 -21.08 20.34 14.93
N GLY A 326 -19.86 20.83 15.10
CA GLY A 326 -18.87 20.10 15.87
C GLY A 326 -18.06 19.09 15.11
N GLY A 327 -18.05 19.17 13.78
CA GLY A 327 -17.32 18.22 12.97
C GLY A 327 -18.04 16.89 12.83
N TRP A 328 -17.49 16.03 11.99
CA TRP A 328 -18.05 14.69 11.84
C TRP A 328 -17.93 13.91 13.13
N GLY A 329 -16.95 14.24 13.97
CA GLY A 329 -16.81 13.55 15.25
C GLY A 329 -18.03 13.66 16.14
N SER A 330 -18.84 14.71 15.94
CA SER A 330 -20.07 14.90 16.70
C SER A 330 -21.33 14.72 15.88
N VAL A 331 -21.22 14.66 14.55
CA VAL A 331 -22.36 14.41 13.69
C VAL A 331 -22.42 12.95 13.25
N ASP A 332 -21.27 12.35 12.94
CA ASP A 332 -21.23 10.95 12.55
C ASP A 332 -21.75 9.96 13.59
N PRO A 333 -21.57 10.16 14.89
CA PRO A 333 -22.18 9.24 15.86
C PRO A 333 -23.56 9.65 16.35
N GLN A 334 -24.09 10.77 15.87
CA GLN A 334 -25.43 11.24 16.21
C GLN A 334 -26.43 11.00 15.09
N LEU A 335 -25.98 10.41 13.96
CA LEU A 335 -26.69 10.46 12.69
C LEU A 335 -28.18 10.17 12.81
N PHE A 336 -28.95 10.88 11.97
CA PHE A 336 -30.34 10.54 11.72
C PHE A 336 -30.42 9.21 10.98
N ASP A 337 -31.54 8.52 11.12
CA ASP A 337 -31.76 7.27 10.41
C ASP A 337 -33.24 6.95 10.29
N HIS B 51 -5.53 -8.25 18.70
CA HIS B 51 -4.91 -7.08 18.07
C HIS B 51 -4.46 -7.41 16.64
N THR B 52 -3.65 -6.53 16.07
CA THR B 52 -3.32 -6.58 14.65
C THR B 52 -2.60 -7.87 14.27
N SER B 53 -2.64 -8.19 12.98
CA SER B 53 -2.01 -9.39 12.43
C SER B 53 -1.21 -9.00 11.21
N ILE B 54 0.12 -9.06 11.33
CA ILE B 54 1.03 -8.80 10.23
C ILE B 54 1.68 -10.11 9.82
N THR B 55 1.80 -10.34 8.53
CA THR B 55 2.40 -11.57 8.01
C THR B 55 3.71 -11.25 7.31
N LEU B 56 4.74 -12.03 7.62
CA LEU B 56 6.07 -11.87 7.02
C LEU B 56 6.29 -12.98 6.00
N VAL B 57 6.69 -12.59 4.80
CA VAL B 57 7.12 -13.53 3.77
C VAL B 57 8.64 -13.48 3.72
N ALA B 58 9.28 -14.62 4.01
CA ALA B 58 10.73 -14.67 4.10
C ALA B 58 11.26 -15.82 3.23
N TYR B 59 12.57 -15.82 3.05
CA TYR B 59 13.21 -16.86 2.25
C TYR B 59 13.32 -18.16 3.05
N ALA B 60 14.15 -19.09 2.58
CA ALA B 60 14.01 -20.48 3.01
C ALA B 60 14.62 -20.75 4.39
N VAL B 61 15.63 -20.00 4.82
CA VAL B 61 16.41 -20.41 5.98
C VAL B 61 16.45 -19.46 7.18
N PRO B 62 15.74 -18.33 7.24
CA PRO B 62 15.91 -17.43 8.39
C PRO B 62 15.00 -17.69 9.57
N GLU B 63 14.27 -18.81 9.58
CA GLU B 63 13.31 -19.06 10.67
C GLU B 63 13.96 -19.08 12.06
N PRO B 64 15.12 -19.72 12.29
CA PRO B 64 15.68 -19.73 13.65
C PRO B 64 15.83 -18.35 14.27
N GLY B 65 16.09 -17.33 13.45
CA GLY B 65 16.19 -15.98 13.96
C GLY B 65 14.83 -15.31 14.15
N TRP B 66 13.94 -15.48 13.16
CA TRP B 66 12.62 -14.86 13.25
C TRP B 66 11.83 -15.43 14.41
N SER B 67 11.93 -16.74 14.64
CA SER B 67 11.22 -17.35 15.76
C SER B 67 11.79 -16.93 17.11
N ALA B 68 12.97 -16.32 17.14
CA ALA B 68 13.53 -15.80 18.38
C ALA B 68 13.24 -14.32 18.57
N VAL B 69 13.06 -13.57 17.48
CA VAL B 69 12.82 -12.13 17.61
C VAL B 69 11.35 -11.85 17.86
N ILE B 70 10.45 -12.63 17.25
CA ILE B 70 9.01 -12.39 17.40
C ILE B 70 8.59 -12.41 18.86
N PRO B 71 9.00 -13.36 19.71
CA PRO B 71 8.67 -13.26 21.14
C PRO B 71 9.24 -12.02 21.80
N ALA B 72 10.42 -11.56 21.39
CA ALA B 72 10.97 -10.33 21.95
C ALA B 72 10.17 -9.12 21.48
N PHE B 73 9.76 -9.13 20.22
CA PHE B 73 8.89 -8.06 19.72
C PHE B 73 7.55 -8.06 20.47
N ASN B 74 6.96 -9.24 20.65
CA ASN B 74 5.66 -9.33 21.31
C ASN B 74 5.73 -8.91 22.78
N ALA B 75 6.88 -9.12 23.42
CA ALA B 75 7.04 -8.75 24.83
C ALA B 75 7.38 -7.28 25.02
N SER B 76 7.39 -6.49 23.96
CA SER B 76 7.69 -5.06 24.02
C SER B 76 6.44 -4.25 23.79
N GLU B 77 6.55 -2.95 24.09
CA GLU B 77 5.38 -2.07 24.01
C GLU B 77 4.98 -1.83 22.56
N GLN B 78 5.95 -1.69 21.66
CA GLN B 78 5.63 -1.49 20.25
C GLN B 78 4.95 -2.71 19.66
N GLY B 79 5.39 -3.91 20.06
CA GLY B 79 4.89 -5.14 19.49
C GLY B 79 3.96 -5.97 20.35
N ARG B 80 3.45 -5.43 21.44
CA ARG B 80 2.53 -6.20 22.26
C ARG B 80 1.19 -6.32 21.56
N GLY B 81 0.67 -7.54 21.46
CA GLY B 81 -0.63 -7.78 20.87
C GLY B 81 -0.61 -8.08 19.39
N VAL B 82 0.37 -7.59 18.65
CA VAL B 82 0.39 -7.78 17.20
C VAL B 82 0.95 -9.15 16.87
N GLN B 83 0.14 -9.99 16.23
CA GLN B 83 0.53 -11.34 15.86
C GLN B 83 1.35 -11.31 14.58
N VAL B 84 2.39 -12.13 14.53
CA VAL B 84 3.28 -12.19 13.38
C VAL B 84 3.15 -13.58 12.75
N ILE B 85 2.55 -13.63 11.57
CA ILE B 85 2.51 -14.85 10.76
C ILE B 85 3.75 -14.87 9.87
N THR B 86 4.28 -16.06 9.64
CA THR B 86 5.51 -16.24 8.88
C THR B 86 5.29 -17.19 7.72
N SER B 87 5.98 -16.92 6.61
CA SER B 87 5.94 -17.77 5.43
C SER B 87 7.35 -17.87 4.86
N TYR B 88 7.90 -19.09 4.85
CA TYR B 88 9.25 -19.34 4.36
C TYR B 88 9.21 -20.20 3.10
N GLY B 89 10.20 -19.98 2.24
CA GLY B 89 10.29 -20.72 1.00
C GLY B 89 11.41 -20.15 0.13
N ALA B 90 11.49 -20.67 -1.08
CA ALA B 90 12.51 -20.20 -2.02
C ALA B 90 12.40 -18.71 -2.23
N SER B 91 13.55 -18.02 -2.13
CA SER B 91 13.56 -16.56 -2.07
C SER B 91 12.90 -15.93 -3.30
N ALA B 92 13.37 -16.30 -4.49
CA ALA B 92 12.80 -15.72 -5.71
C ALA B 92 11.35 -16.14 -5.90
N ASP B 93 11.01 -17.39 -5.52
CA ASP B 93 9.63 -17.84 -5.64
C ASP B 93 8.70 -17.05 -4.72
N GLN B 94 9.16 -16.77 -3.50
CA GLN B 94 8.36 -15.97 -2.58
C GLN B 94 8.23 -14.53 -3.08
N SER B 95 9.32 -13.97 -3.64
CA SER B 95 9.26 -12.63 -4.21
C SER B 95 8.25 -12.57 -5.35
N ARG B 96 8.24 -13.59 -6.21
CA ARG B 96 7.27 -13.62 -7.29
C ARG B 96 5.85 -13.69 -6.76
N GLY B 97 5.64 -14.47 -5.69
CA GLY B 97 4.30 -14.59 -5.12
C GLY B 97 3.77 -13.27 -4.61
N VAL B 98 4.58 -12.57 -3.81
CA VAL B 98 4.16 -11.28 -3.28
C VAL B 98 3.95 -10.28 -4.42
N ALA B 99 4.84 -10.29 -5.41
CA ALA B 99 4.69 -9.40 -6.55
C ALA B 99 3.39 -9.68 -7.30
N ASP B 100 2.88 -10.91 -7.23
CA ASP B 100 1.67 -11.26 -7.95
C ASP B 100 0.58 -11.73 -7.01
N GLY B 101 0.25 -10.92 -6.01
CA GLY B 101 -0.93 -11.16 -5.20
C GLY B 101 -0.74 -11.49 -3.74
N LYS B 102 0.22 -12.36 -3.43
CA LYS B 102 0.28 -12.99 -2.12
C LYS B 102 0.34 -11.96 -1.00
N PRO B 103 -0.41 -12.14 0.09
CA PRO B 103 -0.45 -11.12 1.14
C PRO B 103 0.82 -11.14 1.98
N ALA B 104 1.36 -9.96 2.24
CA ALA B 104 2.57 -9.82 3.03
C ALA B 104 2.66 -8.39 3.54
N ASP B 105 3.00 -8.24 4.82
CA ASP B 105 3.23 -6.93 5.40
C ASP B 105 4.71 -6.59 5.50
N LEU B 106 5.56 -7.61 5.58
CA LEU B 106 7.01 -7.47 5.58
C LEU B 106 7.59 -8.56 4.69
N VAL B 107 8.68 -8.24 3.99
CA VAL B 107 9.40 -9.21 3.18
C VAL B 107 10.86 -9.23 3.62
N ASN B 108 11.45 -10.42 3.64
CA ASN B 108 12.84 -10.61 4.04
C ASN B 108 13.39 -11.71 3.15
N PHE B 109 14.12 -11.33 2.11
CA PHE B 109 14.56 -12.26 1.09
C PHE B 109 16.06 -12.51 1.19
N SER B 110 16.53 -13.50 0.43
CA SER B 110 17.94 -13.86 0.48
C SER B 110 18.82 -12.86 -0.24
N VAL B 111 18.37 -12.34 -1.40
CA VAL B 111 19.16 -11.42 -2.20
C VAL B 111 18.36 -10.15 -2.42
N GLU B 112 19.08 -9.05 -2.62
CA GLU B 112 18.44 -7.77 -2.90
C GLU B 112 17.56 -7.79 -4.15
N PRO B 113 17.94 -8.42 -5.26
CA PRO B 113 17.05 -8.42 -6.44
C PRO B 113 15.64 -8.89 -6.16
N ASP B 114 15.46 -9.79 -5.19
CA ASP B 114 14.11 -10.21 -4.82
C ASP B 114 13.34 -9.09 -4.14
N ILE B 115 14.04 -8.10 -3.59
CA ILE B 115 13.37 -6.88 -3.13
C ILE B 115 13.17 -5.92 -4.30
N ALA B 116 14.13 -5.87 -5.22
CA ALA B 116 14.01 -4.99 -6.38
C ALA B 116 12.85 -5.40 -7.27
N ARG B 117 12.49 -6.68 -7.29
CA ARG B 117 11.33 -7.12 -8.06
C ARG B 117 10.05 -6.46 -7.55
N LEU B 118 9.91 -6.33 -6.23
CA LEU B 118 8.71 -5.72 -5.67
C LEU B 118 8.74 -4.21 -5.79
N VAL B 119 9.92 -3.59 -5.76
CA VAL B 119 10.04 -2.16 -6.04
C VAL B 119 9.53 -1.87 -7.44
N LYS B 120 10.00 -2.65 -8.42
CA LYS B 120 9.49 -2.52 -9.79
C LYS B 120 7.99 -2.72 -9.84
N ALA B 121 7.45 -3.60 -8.99
CA ALA B 121 6.03 -3.90 -8.97
C ALA B 121 5.23 -2.93 -8.09
N GLY B 122 5.88 -1.90 -7.54
CA GLY B 122 5.19 -0.98 -6.66
C GLY B 122 4.85 -1.54 -5.30
N LYS B 123 5.32 -2.75 -4.98
CA LYS B 123 5.02 -3.36 -3.69
C LYS B 123 5.95 -2.88 -2.58
N VAL B 124 7.15 -2.44 -2.94
CA VAL B 124 8.13 -1.98 -1.96
C VAL B 124 8.59 -0.59 -2.37
N ASP B 125 8.60 0.33 -1.40
CA ASP B 125 9.06 1.69 -1.66
C ASP B 125 10.49 1.72 -2.15
N LYS B 126 10.81 2.71 -2.97
CA LYS B 126 12.19 2.91 -3.41
C LYS B 126 13.09 3.28 -2.24
N ASP B 127 12.54 3.95 -1.23
CA ASP B 127 13.22 4.40 -0.02
C ASP B 127 13.60 3.26 0.92
N TRP B 128 13.44 2.01 0.51
CA TRP B 128 13.62 0.89 1.41
C TRP B 128 15.08 0.70 1.81
N ASP B 129 16.02 1.13 0.97
CA ASP B 129 17.44 1.01 1.29
C ASP B 129 18.13 2.36 1.38
N ALA B 130 17.37 3.47 1.45
CA ALA B 130 17.99 4.78 1.58
C ALA B 130 18.72 4.92 2.92
N ASP B 131 18.21 4.27 3.97
CA ASP B 131 18.89 4.27 5.27
C ASP B 131 20.34 3.83 5.10
N ALA B 132 21.21 4.33 5.99
CA ALA B 132 22.61 3.92 5.96
C ALA B 132 22.77 2.43 6.21
N THR B 133 21.73 1.77 6.70
CA THR B 133 21.71 0.32 6.82
C THR B 133 21.48 -0.38 5.49
N LYS B 134 20.96 0.33 4.50
CA LYS B 134 20.60 -0.24 3.19
C LYS B 134 19.56 -1.37 3.34
N GLY B 135 18.73 -1.28 4.37
CA GLY B 135 17.74 -2.31 4.61
C GLY B 135 18.31 -3.67 4.90
N ILE B 136 19.54 -3.72 5.41
CA ILE B 136 20.21 -5.00 5.72
C ILE B 136 20.29 -5.14 7.23
N PRO B 137 19.44 -5.98 7.84
CA PRO B 137 19.47 -6.13 9.30
C PRO B 137 20.49 -7.15 9.77
N PHE B 138 20.79 -8.13 8.92
CA PHE B 138 21.73 -9.19 9.29
C PHE B 138 22.24 -9.82 8.00
N GLY B 139 23.10 -10.82 8.16
CA GLY B 139 23.65 -11.50 7.02
C GLY B 139 24.42 -12.74 7.44
N SER B 140 25.26 -13.23 6.54
CA SER B 140 25.99 -14.46 6.77
C SER B 140 27.17 -14.50 5.81
N VAL B 141 27.81 -15.66 5.72
CA VAL B 141 28.90 -15.90 4.78
C VAL B 141 28.66 -17.26 4.13
N VAL B 142 29.16 -17.42 2.92
CA VAL B 142 29.09 -18.71 2.24
C VAL B 142 30.05 -19.67 2.95
N THR B 143 29.56 -20.88 3.24
CA THR B 143 30.36 -21.88 3.91
C THR B 143 30.09 -23.26 3.34
N PHE B 144 31.01 -24.18 3.60
CA PHE B 144 30.87 -25.57 3.18
C PHE B 144 30.27 -26.38 4.32
N VAL B 145 29.08 -26.95 4.10
CA VAL B 145 28.50 -27.88 5.05
C VAL B 145 29.00 -29.27 4.69
N VAL B 146 29.60 -29.94 5.67
CA VAL B 146 30.26 -31.23 5.47
C VAL B 146 29.74 -32.19 6.51
N ARG B 147 29.80 -33.48 6.19
CA ARG B 147 29.41 -34.49 7.17
C ARG B 147 30.39 -34.51 8.32
N ALA B 148 29.93 -35.00 9.47
CA ALA B 148 30.68 -34.87 10.71
C ALA B 148 32.06 -35.50 10.58
N GLY B 149 33.07 -34.79 11.06
CA GLY B 149 34.45 -35.20 10.93
C GLY B 149 35.13 -34.76 9.66
N ASN B 150 34.42 -34.06 8.77
CA ASN B 150 34.87 -33.72 7.42
C ASN B 150 35.57 -34.94 6.81
N PRO B 151 34.85 -36.07 6.65
CA PRO B 151 35.52 -37.33 6.30
C PRO B 151 36.38 -37.25 5.06
N LYS B 152 36.04 -36.35 4.13
CA LYS B 152 36.73 -36.26 2.86
C LYS B 152 37.63 -35.02 2.78
N ASN B 153 37.80 -34.33 3.88
CA ASN B 153 38.70 -33.20 3.96
C ASN B 153 38.45 -32.02 3.03
N ILE B 154 37.26 -31.46 3.09
CA ILE B 154 36.93 -30.33 2.25
C ILE B 154 37.40 -29.07 2.97
N ARG B 155 38.35 -28.34 2.37
CA ARG B 155 38.87 -27.18 3.09
C ARG B 155 38.90 -25.90 2.26
N ASP B 156 39.00 -26.01 0.92
CA ASP B 156 38.94 -24.82 0.08
C ASP B 156 38.18 -25.13 -1.21
N TRP B 157 38.03 -24.11 -2.05
CA TRP B 157 37.17 -24.24 -3.23
C TRP B 157 37.65 -25.32 -4.18
N ASP B 158 38.97 -25.46 -4.33
CA ASP B 158 39.50 -26.49 -5.21
C ASP B 158 39.07 -27.89 -4.77
N ASP B 159 38.80 -28.08 -3.48
CA ASP B 159 38.37 -29.37 -2.98
C ASP B 159 37.01 -29.78 -3.55
N LEU B 160 36.21 -28.82 -4.04
CA LEU B 160 34.94 -29.15 -4.65
C LEU B 160 35.09 -29.72 -6.05
N LEU B 161 36.26 -29.55 -6.67
CA LEU B 161 36.52 -30.07 -8.00
C LEU B 161 37.22 -31.42 -7.98
N ARG B 162 37.40 -32.01 -6.81
CA ARG B 162 38.11 -33.28 -6.72
C ARG B 162 37.25 -34.40 -7.29
N PRO B 163 37.87 -35.45 -7.82
CA PRO B 163 37.11 -36.52 -8.48
C PRO B 163 36.05 -37.12 -7.56
N GLY B 164 34.82 -37.20 -8.07
CA GLY B 164 33.73 -37.84 -7.37
C GLY B 164 33.02 -36.98 -6.35
N ILE B 165 33.52 -35.79 -6.04
CA ILE B 165 32.87 -34.94 -5.05
C ILE B 165 31.59 -34.38 -5.67
N GLU B 166 30.46 -34.65 -5.02
CA GLU B 166 29.17 -34.10 -5.43
C GLU B 166 28.85 -32.90 -4.56
N VAL B 167 28.51 -31.78 -5.21
CA VAL B 167 28.17 -30.55 -4.52
C VAL B 167 26.65 -30.43 -4.45
N ILE B 168 26.14 -30.07 -3.28
CA ILE B 168 24.73 -29.78 -3.09
C ILE B 168 24.56 -28.27 -3.06
N THR B 169 23.81 -27.74 -4.02
CA THR B 169 23.51 -26.32 -4.10
C THR B 169 22.20 -26.16 -4.86
N PRO B 170 21.40 -25.15 -4.53
CA PRO B 170 20.08 -25.02 -5.13
C PRO B 170 20.15 -24.36 -6.51
N SER B 171 18.97 -24.16 -7.11
CA SER B 171 18.86 -23.56 -8.43
C SER B 171 18.68 -22.04 -8.31
N PRO B 172 19.41 -21.25 -9.09
CA PRO B 172 19.25 -19.78 -8.98
C PRO B 172 17.93 -19.27 -9.51
N LEU B 173 17.18 -20.07 -10.28
CA LEU B 173 15.89 -19.63 -10.78
C LEU B 173 14.88 -19.41 -9.66
N SER B 174 15.16 -19.89 -8.46
CA SER B 174 14.24 -19.73 -7.34
C SER B 174 14.92 -19.38 -6.02
N SER B 175 16.22 -19.61 -5.88
CA SER B 175 16.91 -19.48 -4.59
C SER B 175 17.93 -18.35 -4.66
N GLY B 176 17.95 -17.52 -3.62
CA GLY B 176 19.06 -16.61 -3.44
C GLY B 176 20.29 -17.30 -2.90
N SER B 177 20.09 -18.38 -2.13
CA SER B 177 21.20 -19.23 -1.70
C SER B 177 22.03 -19.68 -2.89
N ALA B 178 21.35 -20.15 -3.94
CA ALA B 178 22.04 -20.59 -5.15
C ALA B 178 22.90 -19.48 -5.75
N LYS B 179 22.51 -18.22 -5.55
CA LYS B 179 23.28 -17.12 -6.11
C LYS B 179 24.49 -16.81 -5.24
N TRP B 180 24.31 -16.74 -3.92
CA TRP B 180 25.44 -16.60 -3.02
C TRP B 180 26.44 -17.73 -3.25
N ASN B 181 25.95 -18.96 -3.37
CA ASN B 181 26.82 -20.12 -3.51
C ASN B 181 27.64 -20.10 -4.79
N LEU B 182 27.20 -19.34 -5.80
CA LEU B 182 27.95 -19.21 -7.04
C LEU B 182 28.79 -17.94 -7.09
N LEU B 183 28.40 -16.91 -6.34
CA LEU B 183 29.17 -15.68 -6.30
C LEU B 183 30.53 -15.89 -5.64
N ALA B 184 30.56 -16.64 -4.54
CA ALA B 184 31.82 -16.87 -3.83
C ALA B 184 32.86 -17.60 -4.68
N PRO B 185 32.56 -18.74 -5.33
CA PRO B 185 33.59 -19.35 -6.18
C PRO B 185 34.07 -18.44 -7.29
N TYR B 186 33.14 -17.75 -7.95
CA TYR B 186 33.52 -16.86 -9.03
C TYR B 186 34.37 -15.71 -8.51
N ALA B 187 33.92 -15.06 -7.43
CA ALA B 187 34.70 -13.97 -6.86
C ALA B 187 36.05 -14.46 -6.36
N ALA B 188 36.12 -15.69 -5.86
CA ALA B 188 37.39 -16.23 -5.39
C ALA B 188 38.32 -16.52 -6.56
N LYS B 189 37.85 -17.30 -7.54
CA LYS B 189 38.70 -17.75 -8.63
C LYS B 189 38.92 -16.68 -9.69
N SER B 190 38.14 -15.60 -9.69
CA SER B 190 38.36 -14.50 -10.61
C SER B 190 39.04 -13.30 -9.95
N ASP B 191 39.37 -13.40 -8.67
CA ASP B 191 40.00 -12.31 -7.91
C ASP B 191 39.14 -11.04 -7.99
N GLY B 192 37.86 -11.19 -7.68
CA GLY B 192 36.96 -10.05 -7.66
C GLY B 192 36.52 -9.56 -9.02
N GLY B 193 36.48 -10.44 -10.02
CA GLY B 193 36.02 -10.08 -11.35
C GLY B 193 37.10 -9.68 -12.33
N ARG B 194 38.38 -9.74 -11.92
CA ARG B 194 39.44 -9.22 -12.77
C ARG B 194 39.78 -10.18 -13.91
N ASN B 195 39.89 -11.48 -13.63
CA ASN B 195 39.99 -12.49 -14.67
C ASN B 195 38.65 -13.21 -14.73
N ASN B 196 37.72 -12.63 -15.50
CA ASN B 196 36.37 -13.17 -15.58
C ASN B 196 36.34 -14.59 -16.12
N GLN B 197 37.30 -14.94 -16.98
CA GLN B 197 37.30 -16.30 -17.53
C GLN B 197 37.77 -17.31 -16.51
N ALA B 198 38.65 -16.92 -15.58
CA ALA B 198 39.06 -17.84 -14.53
C ALA B 198 37.90 -18.16 -13.60
N GLY B 199 37.11 -17.15 -13.25
CA GLY B 199 35.94 -17.39 -12.40
C GLY B 199 34.89 -18.23 -13.10
N ILE B 200 34.60 -17.89 -14.36
CA ILE B 200 33.56 -18.62 -15.10
C ILE B 200 33.98 -20.07 -15.32
N ASP B 201 35.22 -20.29 -15.72
CA ASP B 201 35.67 -21.66 -15.96
C ASP B 201 35.60 -22.51 -14.71
N PHE B 202 35.82 -21.91 -13.53
CA PHE B 202 35.68 -22.66 -12.30
C PHE B 202 34.23 -23.07 -12.07
N VAL B 203 33.32 -22.09 -12.07
CA VAL B 203 31.91 -22.38 -11.86
C VAL B 203 31.39 -23.33 -12.94
N ASN B 204 31.89 -23.16 -14.17
CA ASN B 204 31.55 -24.10 -15.23
C ASN B 204 31.89 -25.53 -14.84
N THR B 205 33.17 -25.78 -14.53
CA THR B 205 33.60 -27.11 -14.12
C THR B 205 32.90 -27.55 -12.84
N LEU B 206 32.64 -26.61 -11.94
CA LEU B 206 31.95 -26.92 -10.70
C LEU B 206 30.54 -27.43 -10.96
N VAL B 207 29.76 -26.68 -11.74
CA VAL B 207 28.36 -27.02 -11.93
C VAL B 207 28.21 -28.22 -12.87
N ASN B 208 28.94 -28.22 -13.98
CA ASN B 208 28.79 -29.29 -14.97
C ASN B 208 29.15 -30.64 -14.38
N GLU B 209 30.29 -30.72 -13.70
CA GLU B 209 30.89 -32.00 -13.33
C GLU B 209 30.68 -32.37 -11.87
N HIS B 210 30.04 -31.51 -11.07
CA HIS B 210 29.90 -31.79 -9.65
C HIS B 210 28.55 -31.40 -9.07
N VAL B 211 27.63 -30.87 -9.88
CA VAL B 211 26.29 -30.50 -9.44
C VAL B 211 25.29 -31.23 -10.30
N LYS B 212 24.47 -32.08 -9.69
CA LYS B 212 23.43 -32.82 -10.39
C LYS B 212 22.03 -32.56 -9.86
N LEU B 213 21.86 -32.56 -8.54
CA LEU B 213 20.56 -32.22 -7.95
C LEU B 213 20.35 -30.72 -8.00
N ARG B 214 19.10 -30.32 -8.28
CA ARG B 214 18.71 -28.92 -8.37
C ARG B 214 17.58 -28.65 -7.38
N PRO B 215 17.88 -28.56 -6.09
CA PRO B 215 16.83 -28.26 -5.11
C PRO B 215 16.34 -26.82 -5.23
N GLY B 216 15.08 -26.61 -4.87
CA GLY B 216 14.44 -25.33 -5.09
C GLY B 216 14.91 -24.22 -4.18
N SER B 217 15.43 -24.55 -3.01
CA SER B 217 15.82 -23.52 -2.05
C SER B 217 16.92 -24.06 -1.15
N GLY B 218 17.52 -23.15 -0.38
CA GLY B 218 18.59 -23.55 0.54
C GLY B 218 18.13 -24.53 1.59
N ARG B 219 16.90 -24.35 2.08
CA ARG B 219 16.34 -25.31 3.03
C ARG B 219 16.16 -26.68 2.38
N GLU B 220 15.74 -26.70 1.11
CA GLU B 220 15.61 -27.96 0.40
C GLU B 220 16.97 -28.60 0.17
N ALA B 221 17.97 -27.79 -0.20
CA ALA B 221 19.32 -28.31 -0.35
C ALA B 221 19.83 -28.89 0.96
N THR B 222 19.53 -28.23 2.08
CA THR B 222 19.91 -28.74 3.39
C THR B 222 19.21 -30.05 3.70
N ASP B 223 17.93 -30.16 3.32
CA ASP B 223 17.15 -31.36 3.63
C ASP B 223 17.67 -32.57 2.88
N VAL B 224 17.97 -32.42 1.58
CA VAL B 224 18.44 -33.54 0.79
C VAL B 224 19.88 -33.91 1.13
N PHE B 225 20.66 -32.95 1.64
CA PHE B 225 22.01 -33.27 2.09
C PHE B 225 21.99 -34.00 3.42
N VAL B 226 21.13 -33.55 4.34
CA VAL B 226 21.00 -34.20 5.65
C VAL B 226 20.67 -35.67 5.50
N GLN B 227 20.10 -36.02 4.38
CA GLN B 227 19.63 -37.33 4.07
C GLN B 227 20.51 -38.25 3.36
N GLY B 228 21.61 -37.74 2.91
CA GLY B 228 22.72 -38.55 2.38
C GLY B 228 23.22 -38.17 0.99
N SER B 229 22.51 -37.33 0.27
CA SER B 229 22.93 -36.93 -1.07
C SER B 229 23.97 -35.82 -1.00
N GLY B 230 25.10 -36.04 -1.64
CA GLY B 230 26.13 -35.03 -1.75
C GLY B 230 27.21 -35.18 -0.70
N ASP B 231 28.43 -34.76 -1.07
CA ASP B 231 29.57 -34.77 -0.16
C ASP B 231 29.74 -33.44 0.56
N VAL B 232 29.32 -32.34 -0.08
CA VAL B 232 29.48 -31.01 0.49
C VAL B 232 28.30 -30.16 0.02
N LEU B 233 27.69 -29.44 0.94
CA LEU B 233 26.56 -28.57 0.65
C LEU B 233 27.01 -27.13 0.85
N ILE B 234 26.94 -26.33 -0.21
CA ILE B 234 27.19 -24.90 -0.09
C ILE B 234 25.97 -24.23 0.51
N SER B 235 26.16 -23.49 1.59
CA SER B 235 25.03 -22.99 2.35
C SER B 235 25.46 -21.78 3.16
N TYR B 236 24.45 -21.08 3.70
CA TYR B 236 24.71 -19.99 4.63
C TYR B 236 25.40 -20.52 5.89
N GLU B 237 26.19 -19.65 6.52
CA GLU B 237 26.74 -19.98 7.83
C GLU B 237 25.63 -20.16 8.85
N ASN B 238 24.60 -19.32 8.79
CA ASN B 238 23.50 -19.45 9.74
C ASN B 238 22.78 -20.79 9.57
N GLU B 239 22.67 -21.27 8.33
CA GLU B 239 21.98 -22.53 8.08
C GLU B 239 22.80 -23.72 8.58
N ALA B 240 24.12 -23.67 8.40
CA ALA B 240 24.97 -24.70 8.98
C ALA B 240 24.85 -24.73 10.49
N ILE B 241 24.84 -23.55 11.12
CA ILE B 241 24.75 -23.47 12.58
C ILE B 241 23.43 -24.07 13.04
N ALA B 242 22.33 -23.70 12.38
CA ALA B 242 21.02 -24.18 12.81
C ALA B 242 20.85 -25.67 12.54
N THR B 243 21.53 -26.20 11.52
CA THR B 243 21.48 -27.64 11.29
C THR B 243 22.33 -28.40 12.30
N GLU B 244 23.52 -27.89 12.61
CA GLU B 244 24.35 -28.51 13.64
C GLU B 244 23.63 -28.50 14.99
N ARG B 245 22.98 -27.38 15.33
CA ARG B 245 22.29 -27.27 16.61
C ARG B 245 21.09 -28.21 16.70
N ALA B 246 20.52 -28.58 15.56
CA ALA B 246 19.37 -29.47 15.55
C ALA B 246 19.75 -30.95 15.68
N GLY B 247 20.99 -31.24 16.06
CA GLY B 247 21.42 -32.61 16.25
C GLY B 247 21.72 -33.37 14.97
N LYS B 248 21.77 -32.70 13.83
CA LYS B 248 22.08 -33.58 12.71
C LYS B 248 23.60 -33.62 12.48
N PRO B 249 24.12 -34.79 12.10
CA PRO B 249 25.57 -35.06 12.17
C PRO B 249 26.35 -34.44 11.02
N VAL B 250 26.44 -33.12 11.03
CA VAL B 250 27.21 -32.37 10.05
C VAL B 250 28.10 -31.39 10.79
N GLN B 251 29.00 -30.76 10.04
CA GLN B 251 29.76 -29.63 10.51
C GLN B 251 30.06 -28.76 9.30
N HIS B 252 30.67 -27.61 9.54
CA HIS B 252 30.91 -26.69 8.44
C HIS B 252 32.31 -26.09 8.53
N VAL B 253 32.85 -25.80 7.34
CA VAL B 253 34.19 -25.25 7.14
C VAL B 253 34.05 -24.06 6.20
N THR B 254 34.55 -22.89 6.61
CA THR B 254 34.43 -21.77 5.68
C THR B 254 35.70 -21.66 4.84
N PRO B 255 35.60 -21.58 3.52
CA PRO B 255 36.80 -21.52 2.70
C PRO B 255 37.56 -20.24 2.96
N PRO B 256 38.88 -20.23 2.72
CA PRO B 256 39.68 -19.00 2.95
C PRO B 256 39.10 -17.78 2.27
N GLN B 257 38.62 -17.91 1.04
CA GLN B 257 37.87 -16.86 0.37
C GLN B 257 36.39 -17.24 0.34
N THR B 258 35.53 -16.28 0.67
CA THR B 258 34.10 -16.52 0.67
C THR B 258 33.39 -15.21 0.33
N PHE B 259 32.06 -15.23 0.37
CA PHE B 259 31.23 -14.11 -0.03
C PHE B 259 30.38 -13.63 1.14
N LYS B 260 30.17 -12.32 1.22
CA LYS B 260 29.42 -11.71 2.32
C LYS B 260 27.94 -11.71 1.98
N ILE B 261 27.18 -12.56 2.66
CA ILE B 261 25.74 -12.65 2.43
C ILE B 261 25.05 -11.52 3.18
N GLU B 262 24.19 -10.79 2.46
CA GLU B 262 23.39 -9.72 3.05
C GLU B 262 21.93 -9.99 2.75
N ASN B 263 21.13 -10.16 3.80
CA ASN B 263 19.74 -10.56 3.65
C ASN B 263 18.83 -9.35 3.86
N PRO B 264 18.25 -8.79 2.80
CA PRO B 264 17.50 -7.55 2.95
C PRO B 264 16.12 -7.74 3.56
N LEU B 265 15.61 -6.65 4.13
CA LEU B 265 14.30 -6.60 4.75
C LEU B 265 13.63 -5.28 4.36
N ALA B 266 12.36 -5.34 4.00
CA ALA B 266 11.65 -4.15 3.56
C ALA B 266 10.18 -4.24 3.93
N VAL B 267 9.60 -3.11 4.29
CA VAL B 267 8.17 -3.04 4.54
C VAL B 267 7.43 -3.08 3.22
N VAL B 268 6.38 -3.88 3.16
CA VAL B 268 5.58 -4.01 1.95
C VAL B 268 4.69 -2.78 1.83
N ALA B 269 4.87 -2.03 0.74
CA ALA B 269 4.15 -0.77 0.57
C ALA B 269 2.64 -0.97 0.42
N THR B 270 2.19 -2.19 0.12
CA THR B 270 0.76 -2.47 0.03
C THR B 270 0.17 -2.97 1.35
N SER B 271 0.85 -2.73 2.47
CA SER B 271 0.35 -3.21 3.75
C SER B 271 -0.80 -2.33 4.23
N THR B 272 -1.83 -2.97 4.78
CA THR B 272 -2.87 -2.26 5.51
C THR B 272 -2.56 -2.21 7.00
N HIS B 273 -1.28 -2.36 7.37
CA HIS B 273 -0.82 -2.39 8.75
C HIS B 273 0.51 -1.67 8.89
N LEU B 274 0.72 -0.59 8.13
CA LEU B 274 2.02 0.08 8.10
C LEU B 274 2.53 0.42 9.49
N GLY B 275 1.63 0.72 10.43
CA GLY B 275 2.02 0.97 11.80
C GLY B 275 2.79 -0.19 12.40
N ALA B 276 2.14 -1.36 12.47
CA ALA B 276 2.80 -2.53 13.06
C ALA B 276 3.90 -3.05 12.16
N ALA B 277 3.69 -3.01 10.84
CA ALA B 277 4.72 -3.49 9.92
C ALA B 277 6.01 -2.70 10.07
N THR B 278 5.92 -1.38 10.21
CA THR B 278 7.11 -0.57 10.41
C THR B 278 7.74 -0.85 11.77
N ALA B 279 6.91 -1.02 12.81
CA ALA B 279 7.43 -1.25 14.15
C ALA B 279 8.18 -2.58 14.21
N PHE B 280 7.67 -3.61 13.52
CA PHE B 280 8.38 -4.88 13.48
C PHE B 280 9.70 -4.75 12.73
N ARG B 281 9.71 -3.96 11.65
CA ARG B 281 10.95 -3.77 10.90
C ARG B 281 11.96 -2.98 11.71
N ASN B 282 11.54 -1.85 12.27
CA ASN B 282 12.46 -1.00 13.04
C ASN B 282 12.98 -1.72 14.26
N PHE B 283 12.26 -2.73 14.76
CA PHE B 283 12.69 -3.46 15.94
C PHE B 283 13.88 -4.35 15.68
N GLN B 284 14.09 -4.77 14.42
CA GLN B 284 15.21 -5.65 14.10
C GLN B 284 16.54 -4.95 14.31
N TYR B 285 16.57 -3.63 14.23
CA TYR B 285 17.78 -2.85 14.41
C TYR B 285 18.02 -2.46 15.86
N THR B 286 17.11 -2.81 16.76
CA THR B 286 17.39 -2.64 18.18
C THR B 286 18.53 -3.56 18.59
N VAL B 287 19.20 -3.17 19.67
CA VAL B 287 20.35 -3.95 20.15
C VAL B 287 19.90 -5.34 20.59
N GLN B 288 18.73 -5.43 21.23
CA GLN B 288 18.22 -6.73 21.64
C GLN B 288 18.02 -7.64 20.44
N ALA B 289 17.34 -7.15 19.40
CA ALA B 289 17.09 -7.96 18.22
C ALA B 289 18.39 -8.34 17.52
N GLN B 290 19.31 -7.37 17.41
CA GLN B 290 20.61 -7.69 16.80
C GLN B 290 21.35 -8.74 17.60
N LYS B 291 21.28 -8.68 18.93
CA LYS B 291 21.82 -9.74 19.76
C LYS B 291 21.12 -11.07 19.49
N LEU B 292 19.80 -11.02 19.30
CA LEU B 292 19.02 -12.24 19.07
C LEU B 292 19.41 -12.88 17.74
N TRP B 293 19.51 -12.07 16.69
CA TRP B 293 19.93 -12.58 15.40
C TRP B 293 21.29 -13.25 15.48
N ALA B 294 22.25 -12.58 16.12
CA ALA B 294 23.57 -13.16 16.34
C ALA B 294 23.47 -14.48 17.09
N GLN B 295 22.68 -14.51 18.16
CA GLN B 295 22.50 -15.72 18.95
C GLN B 295 21.82 -16.84 18.16
N ALA B 296 21.08 -16.50 17.11
CA ALA B 296 20.48 -17.49 16.23
C ALA B 296 21.40 -17.90 15.09
N GLY B 297 22.63 -17.37 15.04
CA GLY B 297 23.59 -17.73 14.03
C GLY B 297 23.71 -16.79 12.86
N PHE B 298 22.99 -15.67 12.87
CA PHE B 298 23.00 -14.70 11.79
C PHE B 298 23.94 -13.55 12.16
N ARG B 299 24.82 -13.20 11.24
CA ARG B 299 25.79 -12.16 11.52
C ARG B 299 25.10 -10.80 11.58
N PRO B 300 25.25 -10.04 12.66
CA PRO B 300 24.54 -8.78 12.80
C PRO B 300 25.27 -7.61 12.13
N VAL B 301 24.50 -6.57 11.82
CA VAL B 301 25.04 -5.36 11.21
C VAL B 301 25.35 -4.27 12.23
N ASP B 302 24.84 -4.38 13.45
CA ASP B 302 25.16 -3.44 14.53
C ASP B 302 26.65 -3.57 14.86
N PRO B 303 27.42 -2.46 14.80
CA PRO B 303 28.88 -2.60 14.95
C PRO B 303 29.33 -3.04 16.35
N ALA B 304 28.53 -2.77 17.39
CA ALA B 304 28.90 -3.24 18.73
C ALA B 304 28.45 -4.67 18.97
N VAL B 305 27.28 -5.05 18.48
CA VAL B 305 26.85 -6.44 18.57
C VAL B 305 27.75 -7.33 17.71
N ALA B 306 28.07 -6.86 16.49
CA ALA B 306 29.01 -7.60 15.66
C ALA B 306 30.36 -7.76 16.35
N ALA B 307 30.83 -6.71 17.01
CA ALA B 307 32.05 -6.81 17.80
C ALA B 307 31.89 -7.82 18.92
N ASP B 308 30.75 -7.79 19.61
CA ASP B 308 30.52 -8.72 20.71
C ASP B 308 30.56 -10.18 20.25
N PHE B 309 30.15 -10.44 19.01
CA PHE B 309 30.06 -11.79 18.48
C PHE B 309 31.17 -12.10 17.47
N ALA B 310 32.19 -11.25 17.38
CA ALA B 310 33.25 -11.48 16.41
C ALA B 310 34.00 -12.78 16.70
N ASP B 311 34.18 -13.11 17.98
CA ASP B 311 34.86 -14.34 18.33
C ASP B 311 34.04 -15.57 17.94
N LEU B 312 32.76 -15.42 17.65
CA LEU B 312 31.92 -16.50 17.18
C LEU B 312 31.59 -16.42 15.69
N PHE B 313 31.83 -15.27 15.06
CA PHE B 313 31.57 -15.06 13.64
C PHE B 313 32.91 -14.73 12.97
N PRO B 314 33.70 -15.75 12.68
CA PRO B 314 35.11 -15.51 12.30
C PRO B 314 35.25 -14.88 10.94
N VAL B 315 36.25 -14.02 10.81
CA VAL B 315 36.57 -13.37 9.54
C VAL B 315 37.39 -14.35 8.72
N PRO B 316 37.13 -14.47 7.42
CA PRO B 316 37.95 -15.35 6.58
C PRO B 316 39.18 -14.64 6.04
N ALA B 317 39.97 -15.33 5.22
CA ALA B 317 41.13 -14.69 4.61
C ALA B 317 40.72 -13.56 3.69
N LYS B 318 39.63 -13.74 2.95
CA LYS B 318 39.09 -12.69 2.09
C LYS B 318 37.58 -12.77 2.08
N LEU B 319 36.93 -11.64 2.36
CA LEU B 319 35.48 -11.54 2.33
C LEU B 319 35.11 -10.69 1.11
N TRP B 320 34.68 -11.36 0.04
CA TRP B 320 34.21 -10.66 -1.14
C TRP B 320 32.79 -10.15 -0.92
N THR B 321 32.49 -8.98 -1.46
CA THR B 321 31.18 -8.36 -1.34
C THR B 321 30.62 -8.08 -2.73
N ILE B 322 29.30 -7.83 -2.77
CA ILE B 322 28.67 -7.53 -4.05
C ILE B 322 29.17 -6.20 -4.61
N ALA B 323 29.59 -5.29 -3.73
CA ALA B 323 30.17 -4.03 -4.19
C ALA B 323 31.49 -4.26 -4.92
N ASP B 324 32.19 -5.35 -4.59
CA ASP B 324 33.44 -5.67 -5.28
C ASP B 324 33.19 -5.97 -6.75
N LEU B 325 32.04 -6.57 -7.08
CA LEU B 325 31.68 -6.86 -8.45
C LEU B 325 30.83 -5.76 -9.07
N GLY B 326 30.83 -4.57 -8.46
CA GLY B 326 30.10 -3.44 -8.98
C GLY B 326 28.64 -3.38 -8.61
N GLY B 327 28.19 -4.24 -7.71
CA GLY B 327 26.80 -4.27 -7.31
C GLY B 327 25.95 -5.21 -8.15
N TRP B 328 24.71 -5.41 -7.70
CA TRP B 328 23.81 -6.32 -8.38
C TRP B 328 23.54 -5.89 -9.81
N GLY B 329 23.44 -4.58 -10.04
CA GLY B 329 23.27 -4.04 -11.38
C GLY B 329 24.38 -4.43 -12.34
N SER B 330 25.42 -5.10 -11.85
CA SER B 330 26.37 -5.82 -12.69
C SER B 330 26.13 -7.33 -12.66
N VAL B 331 26.11 -7.93 -11.46
CA VAL B 331 26.10 -9.39 -11.41
C VAL B 331 24.75 -9.96 -11.84
N ASP B 332 23.65 -9.23 -11.60
CA ASP B 332 22.35 -9.72 -12.04
C ASP B 332 22.17 -9.65 -13.55
N PRO B 333 22.31 -8.48 -14.21
CA PRO B 333 22.11 -8.45 -15.67
C PRO B 333 23.18 -9.19 -16.43
N GLN B 334 24.26 -9.54 -15.75
CA GLN B 334 25.35 -10.34 -16.28
C GLN B 334 25.21 -11.78 -15.77
N LEU B 335 24.00 -12.16 -15.33
CA LEU B 335 23.79 -13.34 -14.48
C LEU B 335 24.35 -14.60 -15.12
N PHE B 336 24.89 -15.45 -14.27
CA PHE B 336 25.35 -16.78 -14.63
C PHE B 336 24.29 -17.79 -14.23
N ASP B 337 23.96 -18.69 -15.16
CA ASP B 337 23.14 -19.89 -14.92
C ASP B 337 22.84 -20.54 -16.25
S SO4 C . -23.41 9.85 -3.58
O1 SO4 C . -22.40 8.91 -4.06
O2 SO4 C . -23.43 11.03 -4.44
O3 SO4 C . -24.73 9.22 -3.60
O4 SO4 C . -23.09 10.25 -2.21
S SO4 D . -49.03 18.36 -10.80
O1 SO4 D . -49.80 17.12 -10.91
O2 SO4 D . -49.00 19.03 -12.10
O3 SO4 D . -49.67 19.24 -9.81
O4 SO4 D . -47.68 18.05 -10.37
S SO4 E . -19.86 -0.07 7.53
O1 SO4 E . -18.78 -0.88 7.00
O2 SO4 E . -20.87 0.16 6.50
O3 SO4 E . -20.47 -0.76 8.67
O4 SO4 E . -19.33 1.21 7.98
S SO4 F . 4.11 4.60 -10.74
O1 SO4 F . 3.20 3.46 -10.87
O2 SO4 F . 4.76 4.84 -12.02
O3 SO4 F . 3.34 5.77 -10.36
O4 SO4 F . 5.10 4.33 -9.71
S SO4 G . -34.46 28.35 4.88
O1 SO4 G . -33.19 27.64 4.71
O2 SO4 G . -35.41 27.83 3.91
O3 SO4 G . -34.98 28.15 6.23
O4 SO4 G . -34.23 29.77 4.65
S SO4 H . -22.16 32.41 5.80
O1 SO4 H . -20.79 32.00 5.48
O2 SO4 H . -22.77 33.04 4.63
O3 SO4 H . -22.94 31.23 6.17
O4 SO4 H . -22.15 33.34 6.93
C ACT I . -3.41 -1.92 -7.33
O ACT I . -2.41 -1.21 -7.56
OXT ACT I . -4.46 -1.62 -6.66
CH3 ACT I . -3.42 -3.36 -7.92
C ACT J . -23.53 1.51 -6.31
O ACT J . -24.36 0.92 -5.56
OXT ACT J . -22.27 1.57 -6.19
CH3 ACT J . -24.11 2.26 -7.56
C ACT K . -19.96 26.99 -13.95
O ACT K . -19.65 26.49 -12.83
OXT ACT K . -19.22 27.12 -14.98
CH3 ACT K . -21.42 27.51 -14.09
C1 PEG L . -48.74 19.98 6.04
O1 PEG L . -49.65 21.03 6.17
C2 PEG L . -49.25 18.93 5.05
O2 PEG L . -48.37 17.84 4.99
C3 PEG L . -47.87 17.45 6.24
C4 PEG L . -46.34 17.50 6.25
O4 PEG L . -45.88 18.73 6.77
C1 PEG M . -44.90 20.22 9.43
O1 PEG M . -46.08 20.19 8.66
C2 PEG M . -45.17 20.91 10.76
O2 PEG M . -44.68 20.12 11.81
C3 PEG M . -43.54 20.64 12.43
C4 PEG M . -42.32 19.78 12.07
O4 PEG M . -41.49 20.49 11.19
C1 PEG N . -1.20 24.93 -13.56
O1 PEG N . -2.39 25.59 -13.24
C2 PEG N . -0.12 25.36 -12.58
O2 PEG N . -0.69 25.59 -11.33
C3 PEG N . 0.19 26.12 -10.38
C4 PEG N . -0.14 25.55 -9.01
O4 PEG N . -0.07 24.15 -9.08
S SO4 O . 16.76 -19.32 -0.36
O1 SO4 O . 16.80 -20.58 -1.09
O2 SO4 O . 17.29 -18.25 -1.19
O3 SO4 O . 15.38 -19.01 0.02
O4 SO4 O . 17.56 -19.44 0.86
S SO4 P . 10.93 -12.74 -13.02
O1 SO4 P . 11.22 -13.92 -12.21
O2 SO4 P . 10.59 -13.17 -14.38
O3 SO4 P . 9.81 -12.01 -12.44
O4 SO4 P . 12.11 -11.89 -13.08
S SO4 Q . -1.60 -0.83 12.58
O1 SO4 Q . -2.00 -2.01 11.81
O2 SO4 Q . -1.71 0.36 11.75
O3 SO4 Q . -2.48 -0.70 13.74
O4 SO4 Q . -0.22 -0.99 13.04
S SO4 R . 32.16 -42.77 0.80
O1 SO4 R . 31.64 -43.78 -0.12
O2 SO4 R . 31.42 -41.53 0.64
O3 SO4 R . 32.04 -43.25 2.17
O4 SO4 R . 33.58 -42.54 0.49
S SO4 S . 39.98 -20.67 -1.69
O1 SO4 S . 39.26 -21.92 -1.95
O2 SO4 S . 40.23 -19.98 -2.96
O3 SO4 S . 39.16 -19.83 -0.82
O4 SO4 S . 41.25 -20.97 -1.04
S SO4 T . 38.51 -11.37 -18.91
O1 SO4 T . 39.38 -12.24 -18.13
O2 SO4 T . 37.39 -12.14 -19.45
O3 SO4 T . 37.99 -10.30 -18.05
O4 SO4 T . 39.28 -10.78 -20.00
S SO4 U . -2.35 -6.77 4.12
O1 SO4 U . -2.27 -5.37 4.55
O2 SO4 U . -3.76 -7.15 3.93
O3 SO4 U . -1.62 -6.94 2.86
O4 SO4 U . -1.76 -7.62 5.16
S SO4 V . 23.61 -29.89 -14.98
O1 SO4 V . 24.85 -30.59 -14.68
O2 SO4 V . 23.49 -29.71 -16.42
O3 SO4 V . 22.48 -30.69 -14.49
O4 SO4 V . 23.60 -28.58 -14.32
C1 PEG W . 18.26 -0.44 21.19
O1 PEG W . 17.55 0.69 20.77
C2 PEG W . 17.53 -1.10 22.37
O2 PEG W . 17.36 -2.46 22.12
C3 PEG W . 16.50 -3.10 23.03
C4 PEG W . 15.04 -2.83 22.65
O4 PEG W . 14.28 -3.98 22.90
C1 PEG X . 29.79 -38.68 14.51
O1 PEG X . 31.10 -38.19 14.42
C2 PEG X . 28.80 -37.51 14.55
O2 PEG X . 28.88 -36.84 15.78
C3 PEG X . 27.98 -35.79 15.92
C4 PEG X . 28.68 -34.46 15.64
O4 PEG X . 27.73 -33.46 15.38
#